data_7NZ6
#
_entry.id   7NZ6
#
_cell.length_a   82.565
_cell.length_b   112.612
_cell.length_c   62.659
_cell.angle_alpha   90.000
_cell.angle_beta   90.000
_cell.angle_gamma   90.000
#
_symmetry.space_group_name_H-M   'C 2 2 21'
#
loop_
_entity.id
_entity.type
_entity.pdbx_description
1 polymer '14-3-3 protein sigma'
2 polymer 'Transcription factor p65'
3 non-polymer 4-[4-(2-methoxyethyl)piperazin-1-yl]sulfonylbenzaldehyde
4 non-polymer 'CALCIUM ION'
5 non-polymer 'CHLORIDE ION'
6 non-polymer GLYCEROL
7 water water
#
loop_
_entity_poly.entity_id
_entity_poly.type
_entity_poly.pdbx_seq_one_letter_code
_entity_poly.pdbx_strand_id
1 'polypeptide(L)'
;GAMGSMERASLIQKAKLAEQAERYEDMAAFMKGAVEKGEELS(CSO)EERNLLSVAYKNVVGGQRAAWRVLSSIEQKSNE
EGSEEKGPEVREYREKVETELQGVCDTVLGLLDSHLIKEAGDAESRVFYLKMKGDYYRYLAEVATGDDKKRIIDSARSAY
QEAMDISKKEMPPTNPIRLGLALNFSVFHYEIANSPEEAISLAKTTFDEAMADLHTLSEDSYKDSTLIMQLLRDNLTLWT
;
A
2 'polypeptide(L)' EGRSAG(SEP)IPGRRS P
#
# COMPACT_ATOMS: atom_id res chain seq x y z
N ALA A 2 11.83 -6.21 -19.83
CA ALA A 2 11.57 -7.64 -19.74
C ALA A 2 10.30 -7.99 -20.51
N MET A 3 9.27 -7.16 -20.35
CA MET A 3 7.97 -7.46 -20.95
C MET A 3 7.69 -6.61 -22.17
N GLY A 4 8.73 -6.00 -22.75
CA GLY A 4 8.54 -5.04 -23.81
C GLY A 4 7.91 -5.61 -25.08
N SER A 5 8.14 -6.90 -25.34
N SER A 5 8.12 -6.90 -25.32
CA SER A 5 7.55 -7.52 -26.53
CA SER A 5 7.58 -7.56 -26.50
C SER A 5 6.14 -8.04 -26.34
C SER A 5 6.14 -8.03 -26.34
N MET A 6 5.57 -7.99 -25.15
CA MET A 6 4.23 -8.53 -24.98
C MET A 6 3.21 -7.40 -25.04
N GLU A 7 2.10 -7.65 -25.72
CA GLU A 7 1.02 -6.66 -25.79
C GLU A 7 0.51 -6.27 -24.41
N ARG A 8 0.14 -4.99 -24.26
CA ARG A 8 -0.46 -4.51 -23.02
C ARG A 8 -1.63 -5.39 -22.60
N ALA A 9 -2.52 -5.71 -23.52
CA ALA A 9 -3.73 -6.44 -23.12
C ALA A 9 -3.38 -7.84 -22.66
N SER A 10 -2.33 -8.42 -23.25
CA SER A 10 -1.88 -9.77 -22.85
C SER A 10 -1.24 -9.74 -21.47
N LEU A 11 -0.48 -8.69 -21.16
CA LEU A 11 0.08 -8.55 -19.83
C LEU A 11 -1.02 -8.45 -18.78
N ILE A 12 -2.07 -7.68 -19.08
N ILE A 12 -2.10 -7.72 -19.07
CA ILE A 12 -3.19 -7.56 -18.14
CA ILE A 12 -3.15 -7.61 -18.07
C ILE A 12 -3.87 -8.90 -17.96
C ILE A 12 -3.91 -8.91 -17.95
N GLN A 13 -4.13 -9.61 -19.07
CA GLN A 13 -4.77 -10.92 -18.99
C GLN A 13 -3.92 -11.90 -18.18
N LYS A 14 -2.63 -11.92 -18.42
CA LYS A 14 -1.73 -12.80 -17.67
C LYS A 14 -1.64 -12.40 -16.21
N ALA A 15 -1.73 -11.10 -15.87
CA ALA A 15 -1.73 -10.73 -14.47
C ALA A 15 -2.96 -11.30 -13.77
N LYS A 16 -4.11 -11.33 -14.47
CA LYS A 16 -5.31 -11.90 -13.85
C LYS A 16 -5.18 -13.40 -13.67
N LEU A 17 -4.55 -14.08 -14.63
CA LEU A 17 -4.31 -15.50 -14.51
C LEU A 17 -3.34 -15.80 -13.37
N ALA A 18 -2.26 -15.00 -13.28
CA ALA A 18 -1.27 -15.19 -12.22
C ALA A 18 -1.92 -15.02 -10.86
N GLU A 19 -2.85 -14.05 -10.72
CA GLU A 19 -3.56 -13.95 -9.43
C GLU A 19 -4.34 -15.23 -9.13
N GLN A 20 -5.04 -15.78 -10.12
CA GLN A 20 -5.81 -17.00 -9.90
C GLN A 20 -4.90 -18.15 -9.48
N ALA A 21 -3.69 -18.20 -10.04
CA ALA A 21 -2.72 -19.24 -9.76
C ALA A 21 -1.87 -18.94 -8.52
N GLU A 22 -2.15 -17.82 -7.84
CA GLU A 22 -1.37 -17.38 -6.67
C GLU A 22 0.13 -17.25 -6.98
N ARG A 23 0.44 -16.76 -8.17
CA ARG A 23 1.80 -16.50 -8.61
C ARG A 23 2.00 -14.98 -8.59
N TYR A 24 2.23 -14.46 -7.39
CA TYR A 24 2.21 -13.00 -7.24
C TYR A 24 3.45 -12.33 -7.79
N GLU A 25 4.60 -12.98 -7.75
CA GLU A 25 5.78 -12.40 -8.40
C GLU A 25 5.54 -12.25 -9.89
N ASP A 26 4.97 -13.28 -10.53
CA ASP A 26 4.62 -13.15 -11.95
C ASP A 26 3.62 -12.02 -12.13
N MET A 27 2.63 -11.95 -11.25
CA MET A 27 1.60 -10.95 -11.42
C MET A 27 2.18 -9.55 -11.35
N ALA A 28 3.13 -9.33 -10.43
CA ALA A 28 3.77 -8.04 -10.32
C ALA A 28 4.60 -7.73 -11.56
N ALA A 29 5.31 -8.73 -12.09
CA ALA A 29 6.10 -8.50 -13.29
C ALA A 29 5.23 -8.17 -14.50
N PHE A 30 4.09 -8.85 -14.65
CA PHE A 30 3.14 -8.52 -15.72
C PHE A 30 2.61 -7.10 -15.56
N MET A 31 2.21 -6.72 -14.33
CA MET A 31 1.67 -5.39 -14.14
C MET A 31 2.74 -4.30 -14.30
N LYS A 32 3.99 -4.56 -13.88
CA LYS A 32 5.07 -3.63 -14.16
C LYS A 32 5.21 -3.43 -15.67
N GLY A 33 5.20 -4.53 -16.41
CA GLY A 33 5.25 -4.42 -17.87
C GLY A 33 4.10 -3.60 -18.41
N ALA A 34 2.89 -3.79 -17.87
CA ALA A 34 1.76 -3.01 -18.36
C ALA A 34 1.94 -1.52 -18.06
N VAL A 35 2.41 -1.17 -16.87
CA VAL A 35 2.64 0.23 -16.55
C VAL A 35 3.65 0.83 -17.52
N GLU A 36 4.73 0.09 -17.81
CA GLU A 36 5.79 0.60 -18.65
C GLU A 36 5.36 0.78 -20.10
N LYS A 37 4.18 0.32 -20.50
CA LYS A 37 3.68 0.68 -21.81
C LYS A 37 3.39 2.16 -21.91
N GLY A 38 3.24 2.85 -20.78
CA GLY A 38 3.14 4.29 -20.78
C GLY A 38 1.73 4.85 -20.78
N GLU A 39 0.73 4.01 -20.93
N GLU A 39 0.72 4.00 -20.87
CA GLU A 39 -0.65 4.47 -20.85
CA GLU A 39 -0.66 4.44 -20.86
C GLU A 39 -1.08 4.53 -19.39
C GLU A 39 -1.19 4.43 -19.42
N GLU A 40 -2.08 5.38 -19.13
CA GLU A 40 -2.72 5.41 -17.82
C GLU A 40 -3.43 4.06 -17.54
N LEU A 41 -3.65 3.77 -16.25
CA LEU A 41 -4.30 2.54 -15.83
C LEU A 41 -5.75 2.83 -15.47
N SER A 42 -6.62 1.93 -15.84
CA SER A 42 -8.01 1.97 -15.40
C SER A 42 -8.14 1.58 -13.92
N GLU A 44 -9.68 -1.00 -12.54
CA GLU A 44 -9.36 -2.43 -12.41
C GLU A 44 -7.85 -2.69 -12.51
N GLU A 45 -7.19 -2.03 -13.47
CA GLU A 45 -5.76 -2.26 -13.64
C GLU A 45 -4.95 -1.72 -12.47
N ARG A 46 -5.36 -0.57 -11.90
CA ARG A 46 -4.69 -0.06 -10.70
C ARG A 46 -4.81 -1.07 -9.58
N ASN A 47 -5.97 -1.66 -9.41
CA ASN A 47 -6.14 -2.67 -8.39
C ASN A 47 -5.27 -3.89 -8.63
N LEU A 48 -5.13 -4.33 -9.89
CA LEU A 48 -4.24 -5.46 -10.14
C LEU A 48 -2.79 -5.13 -9.77
N LEU A 49 -2.34 -3.92 -10.11
CA LEU A 49 -0.99 -3.50 -9.76
C LEU A 49 -0.79 -3.51 -8.25
N SER A 50 -1.76 -2.95 -7.52
CA SER A 50 -1.64 -2.86 -6.07
C SER A 50 -1.70 -4.23 -5.42
N VAL A 51 -2.61 -5.10 -5.87
CA VAL A 51 -2.71 -6.44 -5.29
C VAL A 51 -1.41 -7.21 -5.50
N ALA A 52 -0.85 -7.13 -6.71
CA ALA A 52 0.36 -7.88 -7.00
C ALA A 52 1.48 -7.50 -6.05
N TYR A 53 1.77 -6.20 -5.96
CA TYR A 53 2.88 -5.76 -5.13
C TYR A 53 2.60 -5.93 -3.66
N LYS A 54 1.35 -5.79 -3.22
CA LYS A 54 1.09 -5.94 -1.78
C LYS A 54 1.34 -7.37 -1.37
N ASN A 55 1.02 -8.33 -2.24
CA ASN A 55 1.33 -9.72 -1.95
C ASN A 55 2.82 -9.98 -1.95
N VAL A 56 3.55 -9.44 -2.93
CA VAL A 56 4.99 -9.68 -2.96
C VAL A 56 5.64 -9.09 -1.73
N VAL A 57 5.39 -7.82 -1.46
N VAL A 57 5.42 -7.80 -1.47
CA VAL A 57 6.05 -7.19 -0.33
CA VAL A 57 6.04 -7.17 -0.32
C VAL A 57 5.51 -7.73 0.97
C VAL A 57 5.51 -7.78 0.97
N GLY A 58 4.25 -8.18 0.99
CA GLY A 58 3.71 -8.75 2.22
C GLY A 58 4.44 -10.01 2.63
N GLY A 59 4.79 -10.85 1.65
CA GLY A 59 5.57 -12.03 1.97
C GLY A 59 6.97 -11.67 2.44
N GLN A 60 7.59 -10.67 1.81
CA GLN A 60 8.92 -10.24 2.24
C GLN A 60 8.88 -9.68 3.65
N ARG A 61 7.87 -8.86 3.96
CA ARG A 61 7.78 -8.26 5.29
C ARG A 61 7.58 -9.34 6.34
N ALA A 62 6.76 -10.35 6.05
CA ALA A 62 6.55 -11.41 7.02
C ALA A 62 7.84 -12.18 7.26
N ALA A 63 8.61 -12.44 6.20
CA ALA A 63 9.89 -13.11 6.36
C ALA A 63 10.89 -12.24 7.12
N TRP A 64 10.96 -10.95 6.79
CA TRP A 64 11.86 -10.05 7.51
C TRP A 64 11.53 -10.02 8.99
N ARG A 65 10.25 -10.05 9.35
CA ARG A 65 9.91 -10.03 10.76
C ARG A 65 10.33 -11.31 11.45
N VAL A 66 10.19 -12.45 10.79
CA VAL A 66 10.62 -13.72 11.38
C VAL A 66 12.13 -13.66 11.65
N LEU A 67 12.89 -13.21 10.64
CA LEU A 67 14.34 -13.19 10.75
C LEU A 67 14.81 -12.14 11.76
N SER A 68 14.18 -10.96 11.76
N SER A 68 14.18 -10.98 11.79
CA SER A 68 14.51 -9.94 12.75
CA SER A 68 14.57 -9.97 12.77
C SER A 68 14.29 -10.44 14.17
C SER A 68 14.31 -10.46 14.18
N SER A 69 13.23 -11.23 14.37
CA SER A 69 12.93 -11.75 15.71
C SER A 69 13.99 -12.75 16.15
N ILE A 70 14.38 -13.65 15.25
CA ILE A 70 15.46 -14.59 15.55
C ILE A 70 16.75 -13.84 15.84
N GLU A 71 17.04 -12.80 15.07
CA GLU A 71 18.30 -12.06 15.22
C GLU A 71 18.33 -11.31 16.54
N GLN A 72 17.20 -10.70 16.91
CA GLN A 72 17.12 -10.02 18.21
C GLN A 72 17.37 -11.01 19.34
N LYS A 73 16.71 -12.18 19.27
CA LYS A 73 16.93 -13.22 20.28
C LYS A 73 18.40 -13.63 20.33
N SER A 74 19.07 -13.74 19.18
CA SER A 74 20.46 -14.15 19.15
C SER A 74 21.40 -13.13 19.78
N ASN A 75 20.93 -11.91 20.01
CA ASN A 75 21.75 -10.90 20.68
C ASN A 75 21.26 -10.67 22.11
N GLY A 83 26.84 -17.14 14.98
CA GLY A 83 27.60 -16.64 13.84
C GLY A 83 26.87 -15.55 13.07
N PRO A 84 27.43 -15.14 11.93
CA PRO A 84 26.83 -14.06 11.16
C PRO A 84 25.60 -14.46 10.33
N GLU A 85 25.16 -15.72 10.35
CA GLU A 85 24.23 -16.18 9.31
C GLU A 85 22.86 -15.53 9.44
N VAL A 86 22.37 -15.33 10.66
CA VAL A 86 21.03 -14.77 10.80
C VAL A 86 21.01 -13.33 10.33
N ARG A 87 22.00 -12.54 10.74
CA ARG A 87 22.07 -11.17 10.24
C ARG A 87 22.26 -11.14 8.74
N GLU A 88 23.14 -11.99 8.20
CA GLU A 88 23.37 -12.00 6.76
C GLU A 88 22.08 -12.28 6.02
N TYR A 89 21.34 -13.28 6.46
CA TYR A 89 20.12 -13.65 5.76
C TYR A 89 19.03 -12.60 5.94
N ARG A 90 18.88 -12.03 7.15
CA ARG A 90 17.94 -10.92 7.34
C ARG A 90 18.29 -9.77 6.41
N GLU A 91 19.58 -9.48 6.25
CA GLU A 91 20.02 -8.41 5.36
C GLU A 91 19.66 -8.72 3.92
N LYS A 92 19.79 -9.97 3.49
CA LYS A 92 19.46 -10.34 2.13
C LYS A 92 17.98 -10.13 1.87
N VAL A 93 17.14 -10.60 2.79
CA VAL A 93 15.69 -10.40 2.65
C VAL A 93 15.37 -8.91 2.67
N GLU A 94 16.00 -8.15 3.55
CA GLU A 94 15.77 -6.73 3.63
C GLU A 94 16.12 -6.03 2.33
N THR A 95 17.23 -6.38 1.70
CA THR A 95 17.64 -5.73 0.46
C THR A 95 16.65 -6.04 -0.65
N GLU A 96 16.15 -7.27 -0.68
N GLU A 96 16.18 -7.29 -0.69
CA GLU A 96 15.15 -7.64 -1.70
CA GLU A 96 15.18 -7.66 -1.68
C GLU A 96 13.85 -6.90 -1.48
C GLU A 96 13.90 -6.86 -1.48
N LEU A 97 13.43 -6.77 -0.23
CA LEU A 97 12.25 -5.95 0.10
C LEU A 97 12.44 -4.51 -0.34
N GLN A 98 13.57 -3.91 0.00
CA GLN A 98 13.85 -2.54 -0.42
C GLN A 98 13.83 -2.41 -1.92
N GLY A 99 14.32 -3.43 -2.63
CA GLY A 99 14.32 -3.36 -4.08
C GLY A 99 12.93 -3.36 -4.66
N VAL A 100 12.01 -4.15 -4.09
CA VAL A 100 10.64 -4.16 -4.57
C VAL A 100 9.95 -2.83 -4.26
N CYS A 101 10.16 -2.29 -3.05
CA CYS A 101 9.58 -1.01 -2.73
C CYS A 101 10.08 0.08 -3.66
N ASP A 102 11.40 0.08 -3.95
CA ASP A 102 11.98 1.06 -4.88
C ASP A 102 11.40 0.89 -6.28
N THR A 103 11.11 -0.34 -6.69
CA THR A 103 10.53 -0.56 -8.02
C THR A 103 9.14 0.05 -8.10
N VAL A 104 8.29 -0.20 -7.08
CA VAL A 104 6.93 0.37 -7.05
C VAL A 104 7.02 1.88 -7.04
N LEU A 105 7.83 2.44 -6.15
CA LEU A 105 7.98 3.88 -6.09
C LEU A 105 8.44 4.43 -7.41
N GLY A 106 9.33 3.72 -8.10
CA GLY A 106 9.78 4.18 -9.40
C GLY A 106 8.67 4.20 -10.43
N LEU A 107 7.78 3.20 -10.40
CA LEU A 107 6.62 3.23 -11.30
C LEU A 107 5.72 4.41 -10.99
N LEU A 108 5.50 4.69 -9.71
CA LEU A 108 4.65 5.82 -9.36
C LEU A 108 5.27 7.13 -9.81
N ASP A 109 6.60 7.25 -9.72
N ASP A 109 6.58 7.27 -9.68
CA ASP A 109 7.30 8.47 -10.08
CA ASP A 109 7.22 8.51 -10.10
C ASP A 109 7.57 8.57 -11.57
C ASP A 109 7.35 8.62 -11.61
N SER A 110 7.42 7.49 -12.32
CA SER A 110 7.70 7.48 -13.76
C SER A 110 6.73 6.55 -14.47
N HIS A 111 5.49 7.00 -14.71
CA HIS A 111 5.02 8.38 -14.53
C HIS A 111 3.58 8.37 -14.05
N LEU A 112 3.22 7.40 -13.20
CA LEU A 112 1.80 7.21 -12.87
C LEU A 112 1.20 8.42 -12.16
N ILE A 113 1.90 8.98 -11.16
CA ILE A 113 1.31 10.08 -10.40
C ILE A 113 1.14 11.31 -11.25
N LYS A 114 2.17 11.69 -12.00
CA LYS A 114 2.07 12.95 -12.73
C LYS A 114 1.02 12.90 -13.82
N GLU A 115 0.67 11.72 -14.32
CA GLU A 115 -0.36 11.67 -15.34
C GLU A 115 -1.73 11.43 -14.73
N ALA A 116 -1.84 11.30 -13.40
CA ALA A 116 -3.12 11.02 -12.75
C ALA A 116 -3.80 12.35 -12.39
N GLY A 117 -4.84 12.69 -13.13
CA GLY A 117 -5.53 13.96 -12.90
C GLY A 117 -6.86 13.84 -12.20
N ASP A 118 -7.50 12.69 -12.31
CA ASP A 118 -8.74 12.54 -11.59
C ASP A 118 -8.41 12.20 -10.14
N ALA A 119 -9.29 12.62 -9.23
CA ALA A 119 -9.02 12.40 -7.81
C ALA A 119 -8.90 10.92 -7.49
N GLU A 120 -9.72 10.07 -8.10
CA GLU A 120 -9.68 8.64 -7.77
C GLU A 120 -8.32 8.04 -8.09
N SER A 121 -7.74 8.41 -9.22
CA SER A 121 -6.47 7.80 -9.57
C SER A 121 -5.34 8.44 -8.77
N ARG A 122 -5.36 9.76 -8.60
CA ARG A 122 -4.28 10.42 -7.89
C ARG A 122 -4.23 10.02 -6.42
N VAL A 123 -5.38 9.97 -5.75
CA VAL A 123 -5.42 9.47 -4.37
C VAL A 123 -4.93 8.04 -4.29
N PHE A 124 -5.36 7.17 -5.23
CA PHE A 124 -4.92 5.78 -5.21
C PHE A 124 -3.39 5.69 -5.25
N TYR A 125 -2.75 6.44 -6.17
CA TYR A 125 -1.31 6.31 -6.33
C TYR A 125 -0.58 6.95 -5.16
N LEU A 126 -1.10 8.05 -4.62
CA LEU A 126 -0.42 8.64 -3.48
C LEU A 126 -0.54 7.78 -2.23
N LYS A 127 -1.67 7.11 -2.05
CA LYS A 127 -1.78 6.12 -0.99
C LYS A 127 -0.74 5.02 -1.18
N MET A 128 -0.58 4.51 -2.41
CA MET A 128 0.50 3.55 -2.67
C MET A 128 1.85 4.11 -2.29
N LYS A 129 2.12 5.35 -2.67
CA LYS A 129 3.42 5.95 -2.37
C LYS A 129 3.64 5.98 -0.86
N GLY A 130 2.63 6.38 -0.10
CA GLY A 130 2.77 6.36 1.35
C GLY A 130 3.01 4.97 1.90
N ASP A 131 2.28 3.98 1.38
CA ASP A 131 2.43 2.60 1.85
C ASP A 131 3.86 2.07 1.61
N TYR A 132 4.41 2.31 0.40
CA TYR A 132 5.72 1.75 0.10
C TYR A 132 6.85 2.48 0.82
N TYR A 133 6.72 3.80 1.04
CA TYR A 133 7.65 4.45 1.96
C TYR A 133 7.49 3.91 3.38
N ARG A 134 6.25 3.61 3.80
CA ARG A 134 6.06 3.05 5.13
C ARG A 134 6.77 1.70 5.25
N TYR A 135 6.68 0.85 4.22
CA TYR A 135 7.40 -0.42 4.27
C TYR A 135 8.91 -0.21 4.31
N LEU A 136 9.43 0.78 3.56
CA LEU A 136 10.86 1.13 3.73
C LEU A 136 11.15 1.58 5.15
N ALA A 137 10.25 2.35 5.76
CA ALA A 137 10.51 2.86 7.12
C ALA A 137 10.56 1.72 8.13
N GLU A 138 9.78 0.66 7.91
CA GLU A 138 9.75 -0.47 8.84
C GLU A 138 11.13 -1.10 9.02
N VAL A 139 11.97 -1.06 7.98
CA VAL A 139 13.29 -1.69 8.02
C VAL A 139 14.43 -0.69 8.12
N ALA A 140 14.14 0.60 8.11
CA ALA A 140 15.16 1.63 8.17
C ALA A 140 15.64 1.84 9.59
N THR A 141 16.91 2.23 9.72
CA THR A 141 17.53 2.39 11.03
C THR A 141 18.35 3.68 11.09
N GLY A 142 17.80 4.72 11.72
CA GLY A 142 18.55 5.89 12.11
C GLY A 142 17.95 7.17 11.54
N ASP A 143 18.83 8.03 11.01
CA ASP A 143 18.38 9.27 10.39
C ASP A 143 17.81 9.02 8.99
N ASP A 144 18.31 7.98 8.30
CA ASP A 144 17.64 7.52 7.10
C ASP A 144 16.17 7.23 7.39
N LYS A 145 15.89 6.63 8.56
CA LYS A 145 14.51 6.41 8.95
C LYS A 145 13.74 7.71 8.94
N LYS A 146 14.36 8.81 9.40
CA LYS A 146 13.64 10.09 9.50
C LYS A 146 13.16 10.59 8.15
N ARG A 147 14.04 10.62 7.14
CA ARG A 147 13.63 11.14 5.85
C ARG A 147 12.63 10.21 5.16
N ILE A 148 12.77 8.90 5.33
CA ILE A 148 11.82 7.95 4.74
C ILE A 148 10.46 8.14 5.38
N ILE A 149 10.43 8.29 6.70
CA ILE A 149 9.18 8.57 7.41
C ILE A 149 8.53 9.83 6.90
N ASP A 150 9.31 10.89 6.68
CA ASP A 150 8.70 12.11 6.15
C ASP A 150 8.17 11.95 4.74
N SER A 151 8.84 11.14 3.92
CA SER A 151 8.31 10.89 2.58
C SER A 151 6.97 10.17 2.66
N ALA A 152 6.86 9.17 3.54
CA ALA A 152 5.57 8.47 3.69
C ALA A 152 4.51 9.47 4.16
N ARG A 153 4.83 10.25 5.18
N ARG A 153 4.84 10.27 5.17
CA ARG A 153 3.88 11.22 5.72
CA ARG A 153 3.87 11.20 5.73
C ARG A 153 3.40 12.18 4.65
C ARG A 153 3.40 12.21 4.67
N SER A 154 4.33 12.73 3.87
CA SER A 154 4.00 13.71 2.85
C SER A 154 3.06 13.13 1.80
N ALA A 155 3.31 11.88 1.39
CA ALA A 155 2.45 11.25 0.38
C ALA A 155 1.06 11.01 0.93
N TYR A 156 0.97 10.44 2.13
CA TYR A 156 -0.33 10.25 2.77
C TYR A 156 -1.07 11.57 2.98
N GLN A 157 -0.35 12.63 3.36
CA GLN A 157 -1.03 13.90 3.63
C GLN A 157 -1.60 14.49 2.36
N GLU A 158 -0.86 14.44 1.27
CA GLU A 158 -1.39 14.97 0.01
C GLU A 158 -2.61 14.17 -0.40
N ALA A 159 -2.55 12.85 -0.29
CA ALA A 159 -3.70 12.01 -0.60
C ALA A 159 -4.90 12.37 0.26
N MET A 160 -4.64 12.62 1.55
CA MET A 160 -5.73 12.95 2.47
C MET A 160 -6.36 14.28 2.07
N ASP A 161 -5.54 15.27 1.73
CA ASP A 161 -6.09 16.58 1.39
C ASP A 161 -6.98 16.47 0.14
N ILE A 162 -6.54 15.73 -0.88
CA ILE A 162 -7.38 15.56 -2.06
C ILE A 162 -8.64 14.81 -1.70
N SER A 163 -8.52 13.71 -0.94
CA SER A 163 -9.67 12.86 -0.66
C SER A 163 -10.74 13.62 0.10
N LYS A 164 -10.35 14.51 1.01
CA LYS A 164 -11.36 15.23 1.78
C LYS A 164 -12.07 16.27 0.94
N LYS A 165 -11.40 16.80 -0.07
CA LYS A 165 -12.00 17.79 -0.95
C LYS A 165 -12.87 17.15 -2.02
N GLU A 166 -12.50 15.95 -2.52
CA GLU A 166 -13.02 15.42 -3.76
C GLU A 166 -13.83 14.14 -3.64
N MET A 167 -13.81 13.46 -2.50
CA MET A 167 -14.54 12.20 -2.39
C MET A 167 -15.46 12.23 -1.19
N PRO A 168 -16.58 11.49 -1.25
CA PRO A 168 -17.43 11.38 -0.08
C PRO A 168 -16.72 10.61 1.01
N PRO A 169 -17.14 10.79 2.26
CA PRO A 169 -16.47 10.16 3.39
C PRO A 169 -16.62 8.66 3.42
N THR A 170 -17.52 8.07 2.62
CA THR A 170 -17.64 6.63 2.52
C THR A 170 -16.85 6.03 1.37
N ASN A 171 -16.17 6.83 0.56
CA ASN A 171 -15.47 6.25 -0.58
C ASN A 171 -14.43 5.22 -0.10
N PRO A 172 -14.43 4.00 -0.63
CA PRO A 172 -13.52 2.98 -0.10
C PRO A 172 -12.05 3.35 -0.17
N ILE A 173 -11.62 4.07 -1.23
CA ILE A 173 -10.22 4.47 -1.28
C ILE A 173 -9.93 5.51 -0.19
N ARG A 174 -10.83 6.48 -0.02
CA ARG A 174 -10.69 7.44 1.07
C ARG A 174 -10.60 6.74 2.42
N LEU A 175 -11.44 5.74 2.64
CA LEU A 175 -11.45 5.00 3.89
C LEU A 175 -10.17 4.20 4.08
N GLY A 176 -9.73 3.49 3.04
CA GLY A 176 -8.50 2.72 3.17
C GLY A 176 -7.26 3.58 3.33
N LEU A 177 -7.24 4.75 2.66
CA LEU A 177 -6.17 5.71 2.90
C LEU A 177 -6.12 6.13 4.36
N ALA A 178 -7.27 6.50 4.93
CA ALA A 178 -7.31 6.92 6.33
C ALA A 178 -6.89 5.80 7.25
N LEU A 179 -7.37 4.57 6.99
CA LEU A 179 -6.93 3.42 7.77
C LEU A 179 -5.41 3.30 7.75
N ASN A 180 -4.82 3.30 6.56
CA ASN A 180 -3.38 3.07 6.47
C ASN A 180 -2.59 4.23 7.05
N PHE A 181 -3.07 5.48 6.89
CA PHE A 181 -2.36 6.61 7.49
C PHE A 181 -2.46 6.55 9.01
N SER A 182 -3.60 6.07 9.53
CA SER A 182 -3.70 5.86 10.99
C SER A 182 -2.69 4.82 11.46
N VAL A 183 -2.48 3.74 10.69
CA VAL A 183 -1.48 2.74 11.06
C VAL A 183 -0.08 3.35 10.98
N PHE A 184 0.19 4.14 9.96
CA PHE A 184 1.44 4.91 9.92
C PHE A 184 1.62 5.69 11.24
N HIS A 185 0.58 6.42 11.67
CA HIS A 185 0.75 7.24 12.86
C HIS A 185 1.06 6.36 14.06
N TYR A 186 0.34 5.24 14.19
CA TYR A 186 0.49 4.40 15.37
C TYR A 186 1.82 3.66 15.35
N GLU A 187 2.18 3.07 14.21
CA GLU A 187 3.25 2.07 14.19
C GLU A 187 4.59 2.68 13.79
N ILE A 188 4.60 3.77 13.06
CA ILE A 188 5.80 4.33 12.47
C ILE A 188 6.16 5.65 13.11
N ALA A 189 5.18 6.55 13.21
CA ALA A 189 5.45 7.92 13.66
C ALA A 189 5.34 8.10 15.16
N ASN A 190 5.07 7.03 15.90
CA ASN A 190 4.93 7.11 17.35
C ASN A 190 3.93 8.19 17.78
N SER A 191 2.81 8.26 17.06
CA SER A 191 1.72 9.19 17.35
C SER A 191 0.44 8.42 17.54
N PRO A 192 0.34 7.60 18.59
CA PRO A 192 -0.90 6.83 18.79
C PRO A 192 -2.13 7.69 18.98
N GLU A 193 -2.02 8.87 19.56
CA GLU A 193 -3.22 9.69 19.74
C GLU A 193 -3.72 10.20 18.40
N GLU A 194 -2.80 10.58 17.48
CA GLU A 194 -3.19 11.00 16.14
C GLU A 194 -3.83 9.83 15.39
N ALA A 195 -3.27 8.63 15.57
CA ALA A 195 -3.85 7.42 14.95
C ALA A 195 -5.29 7.20 15.40
N ILE A 196 -5.53 7.29 16.71
CA ILE A 196 -6.86 7.07 17.24
C ILE A 196 -7.82 8.16 16.79
N SER A 197 -7.40 9.42 16.83
CA SER A 197 -8.26 10.52 16.39
C SER A 197 -8.63 10.37 14.92
N LEU A 198 -7.67 10.02 14.08
CA LEU A 198 -7.97 9.87 12.66
C LEU A 198 -8.93 8.70 12.43
N ALA A 199 -8.69 7.57 13.08
CA ALA A 199 -9.58 6.42 12.87
C ALA A 199 -11.00 6.74 13.36
N LYS A 200 -11.12 7.42 14.50
CA LYS A 200 -12.45 7.74 15.03
C LYS A 200 -13.18 8.72 14.13
N THR A 201 -12.53 9.82 13.75
CA THR A 201 -13.18 10.80 12.90
C THR A 201 -13.57 10.20 11.56
N THR A 202 -12.69 9.37 11.00
CA THR A 202 -13.00 8.74 9.72
C THR A 202 -14.21 7.82 9.85
N PHE A 203 -14.23 7.02 10.91
CA PHE A 203 -15.35 6.11 11.12
C PHE A 203 -16.64 6.87 11.28
N ASP A 204 -16.65 7.91 12.12
CA ASP A 204 -17.87 8.65 12.42
C ASP A 204 -18.39 9.38 11.19
N GLU A 205 -17.50 9.97 10.39
CA GLU A 205 -17.97 10.69 9.22
C GLU A 205 -18.49 9.72 8.16
N ALA A 206 -17.89 8.54 8.06
CA ALA A 206 -18.46 7.54 7.17
C ALA A 206 -19.84 7.07 7.65
N MET A 207 -19.97 6.77 8.95
CA MET A 207 -21.25 6.33 9.48
C MET A 207 -22.39 7.27 9.06
N ALA A 208 -22.14 8.56 9.19
CA ALA A 208 -23.13 9.58 8.92
C ALA A 208 -23.47 9.71 7.45
N ASP A 209 -22.70 9.07 6.55
CA ASP A 209 -22.95 9.18 5.12
C ASP A 209 -23.46 7.85 4.56
N LEU A 210 -23.60 6.81 5.39
CA LEU A 210 -24.04 5.51 4.90
C LEU A 210 -25.44 5.56 4.30
N HIS A 211 -26.28 6.47 4.79
CA HIS A 211 -27.66 6.54 4.31
C HIS A 211 -27.75 6.87 2.83
N THR A 212 -26.68 7.39 2.23
CA THR A 212 -26.70 7.81 0.83
C THR A 212 -26.38 6.67 -0.13
N LEU A 213 -25.99 5.51 0.38
CA LEU A 213 -25.40 4.44 -0.41
C LEU A 213 -26.42 3.38 -0.78
N SER A 214 -26.18 2.77 -1.94
CA SER A 214 -26.85 1.54 -2.33
C SER A 214 -26.40 0.38 -1.44
N GLU A 215 -27.11 -0.73 -1.55
CA GLU A 215 -26.75 -1.94 -0.82
C GLU A 215 -25.31 -2.35 -1.09
N ASP A 216 -24.89 -2.30 -2.36
CA ASP A 216 -23.56 -2.80 -2.70
C ASP A 216 -22.48 -1.85 -2.19
N SER A 217 -22.70 -0.54 -2.32
CA SER A 217 -21.73 0.43 -1.81
C SER A 217 -21.67 0.39 -0.29
N TYR A 218 -22.83 0.21 0.36
CA TYR A 218 -22.87 0.04 1.80
C TYR A 218 -21.96 -1.09 2.26
N LYS A 219 -22.06 -2.25 1.58
CA LYS A 219 -21.20 -3.38 1.93
C LYS A 219 -19.73 -3.02 1.77
N ASP A 220 -19.39 -2.30 0.69
CA ASP A 220 -18.00 -1.93 0.44
C ASP A 220 -17.48 -1.02 1.55
N SER A 221 -18.24 0.03 1.90
CA SER A 221 -17.79 0.98 2.91
C SER A 221 -17.77 0.37 4.31
N THR A 222 -18.79 -0.41 4.68
CA THR A 222 -18.81 -0.91 6.03
C THR A 222 -17.71 -1.95 6.26
N LEU A 223 -17.28 -2.64 5.20
CA LEU A 223 -16.17 -3.58 5.40
C LEU A 223 -14.92 -2.86 5.92
N ILE A 224 -14.60 -1.71 5.32
CA ILE A 224 -13.39 -0.99 5.73
C ILE A 224 -13.63 -0.28 7.04
N MET A 225 -14.87 0.19 7.27
CA MET A 225 -15.14 0.77 8.57
C MET A 225 -14.88 -0.24 9.69
N GLN A 226 -15.19 -1.52 9.44
CA GLN A 226 -14.94 -2.53 10.46
C GLN A 226 -13.45 -2.64 10.76
N LEU A 227 -12.61 -2.49 9.74
CA LEU A 227 -11.16 -2.46 9.98
C LEU A 227 -10.75 -1.28 10.85
N LEU A 228 -11.33 -0.09 10.61
CA LEU A 228 -11.06 1.03 11.49
C LEU A 228 -11.47 0.71 12.93
N ARG A 229 -12.69 0.16 13.09
CA ARG A 229 -13.16 -0.24 14.41
C ARG A 229 -12.25 -1.29 15.05
N ASP A 230 -11.77 -2.26 14.28
CA ASP A 230 -10.88 -3.27 14.86
C ASP A 230 -9.61 -2.64 15.40
N ASN A 231 -9.07 -1.66 14.68
CA ASN A 231 -7.88 -1.00 15.19
C ASN A 231 -8.20 -0.18 16.44
N LEU A 232 -9.32 0.53 16.43
CA LEU A 232 -9.66 1.32 17.61
C LEU A 232 -9.84 0.43 18.83
N THR A 233 -10.41 -0.75 18.64
CA THR A 233 -10.58 -1.67 19.77
C THR A 233 -9.23 -2.11 20.32
N LEU A 234 -8.26 -2.30 19.42
CA LEU A 234 -6.95 -2.72 19.88
C LEU A 234 -6.20 -1.58 20.55
N TRP A 235 -6.44 -0.33 20.12
CA TRP A 235 -5.63 0.81 20.54
C TRP A 235 -6.20 1.52 21.76
N THR A 236 -7.45 1.27 22.09
CA THR A 236 -8.12 1.96 23.19
C THR A 236 -8.66 0.97 24.21
N ALA B 5 -2.23 -4.09 14.96
CA ALA B 5 -2.84 -2.99 14.22
C ALA B 5 -2.81 -3.30 12.73
N GLY B 6 -3.97 -3.36 12.11
CA GLY B 6 -4.05 -3.76 10.73
C GLY B 6 -4.25 -2.69 9.67
N ILE B 8 -5.00 -2.08 5.44
CA ILE B 8 -5.84 -2.73 4.43
C ILE B 8 -5.08 -3.98 3.98
N PRO B 9 -5.68 -5.17 4.09
CA PRO B 9 -4.98 -6.35 3.58
C PRO B 9 -4.59 -6.22 2.10
N GLY B 10 -5.56 -5.95 1.24
CA GLY B 10 -5.27 -5.55 -0.13
C GLY B 10 -4.58 -6.61 -0.94
N ARG B 11 -4.81 -7.88 -0.61
CA ARG B 11 -4.13 -9.01 -1.25
C ARG B 11 -5.00 -9.75 -2.27
N ARG B 12 -6.24 -9.31 -2.50
CA ARG B 12 -7.12 -10.01 -3.42
C ARG B 12 -7.89 -8.99 -4.25
N SER B 13 -7.85 -9.14 -5.59
CA SER B 13 -8.58 -8.33 -6.56
C SER B 13 -8.15 -8.64 -7.99
#